data_8G4A
#
_entry.id   8G4A
#
_cell.length_a   80.135
_cell.length_b   80.135
_cell.length_c   100.718
_cell.angle_alpha   90.00
_cell.angle_beta   90.00
_cell.angle_gamma   120.00
#
_symmetry.space_group_name_H-M   'P 31 2 1'
#
loop_
_entity.id
_entity.type
_entity.pdbx_description
1 polymer 'Aryl hydrocarbon receptor nuclear translocator'
2 non-polymer 5-[3,5-bis(trifluoromethyl)phenyl]-2H-tetrazole
3 water water
#
_entity_poly.entity_id   1
_entity_poly.type   'polypeptide(L)'
_entity_poly.pdbx_seq_one_letter_code
;GAMDNVCQPTEFISRHNIEGIFTFVDHRCVATVGYQPQELLGKNIVEFCHPEDQQLLRDSFQQVVKLKGQVLSVMFRFRS
KNQEWLWMRTSSFTFQNPYSDEIEYIICTNTNVKNSSQE
;
_entity_poly.pdbx_strand_id   A,B
#
# COMPACT_ATOMS: atom_id res chain seq x y z
N THR A 10 -6.91 7.50 10.35
CA THR A 10 -5.63 7.13 9.80
C THR A 10 -5.81 5.83 9.01
N GLU A 11 -4.70 5.24 8.55
CA GLU A 11 -4.74 4.14 7.61
C GLU A 11 -3.56 3.18 7.70
N PHE A 12 -3.77 2.00 7.13
CA PHE A 12 -2.79 0.94 7.19
C PHE A 12 -2.99 0.11 5.94
N ILE A 13 -1.92 -0.61 5.56
CA ILE A 13 -1.94 -1.49 4.41
C ILE A 13 -2.01 -2.92 4.92
N SER A 14 -2.81 -3.75 4.22
CA SER A 14 -2.86 -5.17 4.47
C SER A 14 -2.71 -5.93 3.15
N ARG A 15 -2.10 -7.11 3.25
CA ARG A 15 -1.96 -8.02 2.14
C ARG A 15 -2.85 -9.23 2.42
N HIS A 16 -3.62 -9.65 1.40
CA HIS A 16 -4.62 -10.71 1.54
C HIS A 16 -4.41 -11.75 0.46
N ASN A 17 -4.81 -12.99 0.75
CA ASN A 17 -4.97 -13.97 -0.31
C ASN A 17 -6.26 -13.63 -1.02
N ILE A 18 -6.56 -14.37 -2.09
CA ILE A 18 -7.71 -14.13 -2.95
C ILE A 18 -9.04 -14.15 -2.21
N GLU A 19 -9.09 -14.88 -1.09
CA GLU A 19 -10.33 -15.06 -0.34
C GLU A 19 -10.53 -14.03 0.76
N GLY A 20 -9.48 -13.26 1.10
CA GLY A 20 -9.59 -12.25 2.13
C GLY A 20 -8.81 -12.49 3.42
N ILE A 21 -8.01 -13.58 3.47
CA ILE A 21 -7.21 -13.90 4.65
C ILE A 21 -6.08 -12.87 4.76
N PHE A 22 -5.95 -12.25 5.94
CA PHE A 22 -4.78 -11.43 6.27
C PHE A 22 -3.48 -12.23 6.25
N THR A 23 -2.56 -11.84 5.35
CA THR A 23 -1.24 -12.45 5.29
C THR A 23 -0.12 -11.48 5.69
N PHE A 24 -0.45 -10.19 5.80
CA PHE A 24 0.45 -9.18 6.35
C PHE A 24 -0.42 -7.97 6.67
N VAL A 25 -0.12 -7.28 7.77
CA VAL A 25 -0.72 -6.00 8.08
C VAL A 25 0.34 -5.10 8.71
N ASP A 26 0.42 -3.84 8.28
CA ASP A 26 1.43 -2.94 8.84
C ASP A 26 0.95 -2.42 10.19
N HIS A 27 1.92 -1.99 11.03
CA HIS A 27 1.74 -1.75 12.45
C HIS A 27 0.75 -0.61 12.75
N ARG A 28 0.43 0.21 11.75
CA ARG A 28 -0.55 1.27 11.94
C ARG A 28 -1.97 0.73 12.18
N CYS A 29 -2.18 -0.57 11.95
CA CYS A 29 -3.46 -1.19 12.30
C CYS A 29 -3.82 -1.01 13.78
N VAL A 30 -2.82 -0.95 14.66
CA VAL A 30 -3.06 -0.75 16.08
C VAL A 30 -3.87 0.52 16.33
N ALA A 31 -3.36 1.66 15.83
CA ALA A 31 -4.04 2.93 16.01
C ALA A 31 -5.35 3.04 15.23
N THR A 32 -5.47 2.29 14.13
CA THR A 32 -6.67 2.38 13.30
C THR A 32 -7.83 1.52 13.79
N VAL A 33 -7.58 0.23 14.05
CA VAL A 33 -8.63 -0.71 14.43
C VAL A 33 -8.44 -1.35 15.81
N GLY A 34 -7.33 -1.04 16.48
CA GLY A 34 -7.12 -1.46 17.86
C GLY A 34 -6.42 -2.81 18.03
N TYR A 35 -6.25 -3.56 16.95
CA TYR A 35 -5.60 -4.86 16.99
C TYR A 35 -4.11 -4.75 16.67
N GLN A 36 -3.32 -5.60 17.34
CA GLN A 36 -1.96 -5.89 16.91
C GLN A 36 -2.03 -6.67 15.61
N PRO A 37 -1.04 -6.57 14.71
CA PRO A 37 -0.99 -7.42 13.51
C PRO A 37 -1.23 -8.88 13.80
N GLN A 38 -0.61 -9.37 14.88
CA GLN A 38 -0.73 -10.74 15.36
C GLN A 38 -2.16 -11.21 15.63
N GLU A 39 -3.07 -10.26 15.92
CA GLU A 39 -4.46 -10.56 16.20
C GLU A 39 -5.32 -10.61 14.93
N LEU A 40 -4.71 -10.31 13.78
CA LEU A 40 -5.43 -10.28 12.51
C LEU A 40 -4.96 -11.37 11.55
N LEU A 41 -3.65 -11.65 11.60
CA LEU A 41 -3.00 -12.56 10.66
C LEU A 41 -3.65 -13.94 10.67
N GLY A 42 -3.86 -14.49 9.48
CA GLY A 42 -4.43 -15.82 9.32
C GLY A 42 -5.96 -15.85 9.35
N LYS A 43 -6.58 -14.74 9.80
CA LYS A 43 -8.02 -14.60 9.81
C LYS A 43 -8.51 -13.89 8.56
N ASN A 44 -9.77 -14.16 8.18
CA ASN A 44 -10.39 -13.50 7.04
C ASN A 44 -10.92 -12.14 7.49
N ILE A 45 -10.67 -11.09 6.70
CA ILE A 45 -11.21 -9.76 7.02
C ILE A 45 -12.73 -9.77 7.11
N VAL A 46 -13.38 -10.66 6.34
CA VAL A 46 -14.82 -10.81 6.38
C VAL A 46 -15.31 -11.22 7.76
N GLU A 47 -14.47 -11.91 8.55
CA GLU A 47 -14.82 -12.26 9.92
C GLU A 47 -14.93 -11.04 10.85
N PHE A 48 -14.32 -9.91 10.46
CA PHE A 48 -14.40 -8.69 11.25
C PHE A 48 -15.45 -7.71 10.70
N CYS A 49 -16.16 -8.14 9.66
CA CYS A 49 -17.08 -7.28 8.94
C CYS A 49 -18.50 -7.47 9.48
N HIS A 50 -19.20 -6.34 9.67
CA HIS A 50 -20.60 -6.38 10.05
C HIS A 50 -21.35 -7.33 9.09
N PRO A 51 -22.20 -8.25 9.60
CA PRO A 51 -22.95 -9.18 8.74
C PRO A 51 -23.55 -8.53 7.47
N GLU A 52 -24.14 -7.35 7.67
CA GLU A 52 -24.90 -6.63 6.63
C GLU A 52 -24.00 -6.21 5.48
N ASP A 53 -22.70 -6.06 5.79
CA ASP A 53 -21.73 -5.66 4.81
C ASP A 53 -20.91 -6.83 4.26
N GLN A 54 -21.16 -8.04 4.76
CA GLN A 54 -20.25 -9.15 4.51
C GLN A 54 -20.27 -9.64 3.07
N GLN A 55 -21.45 -9.64 2.43
CA GLN A 55 -21.55 -10.07 1.04
C GLN A 55 -20.89 -9.02 0.14
N LEU A 56 -21.13 -7.74 0.45
CA LEU A 56 -20.50 -6.63 -0.23
C LEU A 56 -18.98 -6.74 -0.19
N LEU A 57 -18.41 -7.07 0.98
CA LEU A 57 -16.97 -7.27 1.09
C LEU A 57 -16.50 -8.53 0.36
N ARG A 58 -17.27 -9.62 0.42
CA ARG A 58 -16.94 -10.82 -0.35
C ARG A 58 -16.91 -10.58 -1.86
N ASP A 59 -17.95 -9.88 -2.36
CA ASP A 59 -18.05 -9.55 -3.77
C ASP A 59 -16.85 -8.74 -4.24
N SER A 60 -16.40 -7.81 -3.38
CA SER A 60 -15.25 -6.96 -3.66
C SER A 60 -14.01 -7.79 -3.96
N PHE A 61 -13.75 -8.81 -3.13
CA PHE A 61 -12.62 -9.71 -3.33
C PHE A 61 -12.75 -10.52 -4.63
N GLN A 62 -13.97 -10.96 -4.95
CA GLN A 62 -14.20 -11.64 -6.22
C GLN A 62 -14.03 -10.69 -7.41
N GLN A 63 -14.50 -9.44 -7.25
CA GLN A 63 -14.47 -8.46 -8.32
C GLN A 63 -13.06 -7.91 -8.56
N VAL A 64 -12.28 -7.73 -7.49
CA VAL A 64 -10.98 -7.09 -7.63
C VAL A 64 -10.05 -7.97 -8.46
N VAL A 65 -10.19 -9.30 -8.32
CA VAL A 65 -9.38 -10.24 -9.09
C VAL A 65 -9.71 -10.19 -10.57
N LYS A 66 -10.96 -9.83 -10.91
CA LYS A 66 -11.37 -9.68 -12.30
C LYS A 66 -10.87 -8.38 -12.91
N LEU A 67 -10.67 -7.35 -12.07
CA LEU A 67 -10.24 -6.04 -12.53
C LEU A 67 -8.75 -5.97 -12.88
N LYS A 68 -7.98 -7.01 -12.52
CA LYS A 68 -6.63 -7.21 -13.01
C LYS A 68 -5.72 -5.98 -12.82
N GLY A 69 -5.55 -5.58 -11.55
CA GLY A 69 -4.62 -4.53 -11.19
C GLY A 69 -5.30 -3.19 -10.95
N GLN A 70 -6.48 -2.99 -11.54
CA GLN A 70 -7.25 -1.78 -11.31
C GLN A 70 -7.83 -1.85 -9.90
N VAL A 71 -8.02 -0.66 -9.32
CA VAL A 71 -8.40 -0.50 -7.94
C VAL A 71 -9.92 -0.56 -7.82
N LEU A 72 -10.38 -1.20 -6.76
CA LEU A 72 -11.79 -1.25 -6.40
C LEU A 72 -11.87 -0.79 -4.95
N SER A 73 -12.76 0.16 -4.67
CA SER A 73 -13.00 0.63 -3.31
C SER A 73 -14.32 0.08 -2.80
N VAL A 74 -14.38 -0.18 -1.49
CA VAL A 74 -15.59 -0.65 -0.85
C VAL A 74 -15.61 -0.05 0.55
N MET A 75 -16.82 0.18 1.08
CA MET A 75 -16.96 0.65 2.45
C MET A 75 -17.78 -0.37 3.24
N PHE A 76 -17.33 -0.60 4.48
CA PHE A 76 -17.92 -1.61 5.32
C PHE A 76 -17.56 -1.28 6.77
N ARG A 77 -18.32 -1.90 7.69
CA ARG A 77 -18.12 -1.69 9.11
C ARG A 77 -17.21 -2.80 9.66
N PHE A 78 -16.12 -2.38 10.30
CA PHE A 78 -15.10 -3.27 10.84
C PHE A 78 -15.23 -3.32 12.38
N ARG A 79 -15.22 -4.54 12.93
CA ARG A 79 -15.30 -4.74 14.37
C ARG A 79 -13.96 -4.43 15.03
N SER A 80 -13.86 -3.24 15.65
CA SER A 80 -12.65 -2.83 16.33
C SER A 80 -12.42 -3.66 17.59
N LYS A 81 -11.21 -3.55 18.16
CA LYS A 81 -10.80 -4.38 19.28
C LYS A 81 -11.70 -4.17 20.49
N ASN A 82 -12.09 -2.91 20.74
CA ASN A 82 -13.00 -2.57 21.81
C ASN A 82 -14.48 -2.75 21.43
N GLN A 83 -14.72 -3.59 20.41
CA GLN A 83 -16.05 -4.05 20.02
C GLN A 83 -17.01 -2.94 19.59
N GLU A 84 -16.49 -1.91 18.90
CA GLU A 84 -17.35 -0.95 18.22
C GLU A 84 -17.21 -1.12 16.71
N TRP A 85 -18.28 -0.80 15.98
CA TRP A 85 -18.26 -0.80 14.53
C TRP A 85 -17.61 0.48 14.01
N LEU A 86 -16.54 0.32 13.23
CA LEU A 86 -15.84 1.42 12.59
C LEU A 86 -16.09 1.36 11.08
N TRP A 87 -16.53 2.47 10.50
CA TRP A 87 -16.66 2.57 9.06
C TRP A 87 -15.27 2.59 8.43
N MET A 88 -15.03 1.64 7.52
CA MET A 88 -13.75 1.51 6.85
C MET A 88 -13.97 1.72 5.36
N ARG A 89 -13.05 2.46 4.73
CA ARG A 89 -12.93 2.52 3.28
C ARG A 89 -11.68 1.74 2.89
N THR A 90 -11.86 0.69 2.09
CA THR A 90 -10.75 -0.13 1.64
C THR A 90 -10.63 0.03 0.12
N SER A 91 -9.41 0.33 -0.35
CA SER A 91 -9.09 0.32 -1.77
C SER A 91 -8.18 -0.87 -2.01
N SER A 92 -8.58 -1.71 -2.99
CA SER A 92 -7.98 -3.01 -3.21
C SER A 92 -7.52 -3.12 -4.66
N PHE A 93 -6.41 -3.83 -4.86
CA PHE A 93 -5.97 -4.19 -6.20
C PHE A 93 -5.16 -5.48 -6.10
N THR A 94 -5.16 -6.23 -7.20
CA THR A 94 -4.36 -7.44 -7.30
C THR A 94 -2.91 -7.07 -7.59
N PHE A 95 -2.01 -7.84 -6.99
CA PHE A 95 -0.58 -7.68 -7.13
C PHE A 95 -0.03 -8.88 -7.91
N GLN A 96 0.81 -8.58 -8.92
CA GLN A 96 1.69 -9.57 -9.54
C GLN A 96 3.05 -8.93 -9.81
N ASN A 97 4.10 -9.75 -9.85
CA ASN A 97 5.43 -9.27 -10.19
C ASN A 97 5.44 -8.60 -11.56
N PRO A 98 6.39 -7.66 -11.82
CA PRO A 98 6.50 -6.98 -13.12
C PRO A 98 6.52 -7.94 -14.30
N TYR A 99 5.64 -7.67 -15.29
CA TYR A 99 5.65 -8.36 -16.57
C TYR A 99 5.41 -9.86 -16.36
N SER A 100 4.59 -10.15 -15.35
CA SER A 100 4.25 -11.51 -14.94
C SER A 100 2.76 -11.61 -14.65
N ASP A 101 2.16 -12.73 -15.08
CA ASP A 101 0.72 -12.84 -15.24
C ASP A 101 -0.02 -13.28 -13.97
N GLU A 102 0.63 -14.10 -13.13
CA GLU A 102 -0.03 -14.77 -12.02
C GLU A 102 -0.34 -13.82 -10.86
N ILE A 103 -1.62 -13.80 -10.46
CA ILE A 103 -2.08 -12.98 -9.34
C ILE A 103 -1.63 -13.67 -8.06
N GLU A 104 -0.77 -13.02 -7.28
CA GLU A 104 -0.26 -13.56 -6.04
C GLU A 104 -1.07 -13.15 -4.81
N TYR A 105 -1.47 -11.88 -4.75
CA TYR A 105 -2.10 -11.31 -3.55
C TYR A 105 -3.11 -10.21 -3.92
N ILE A 106 -3.93 -9.85 -2.94
CA ILE A 106 -4.68 -8.60 -2.99
C ILE A 106 -4.06 -7.66 -1.97
N ILE A 107 -3.82 -6.41 -2.41
CA ILE A 107 -3.32 -5.37 -1.54
C ILE A 107 -4.47 -4.43 -1.20
N CYS A 108 -4.67 -4.16 0.10
CA CYS A 108 -5.70 -3.26 0.59
C CYS A 108 -5.08 -2.09 1.34
N THR A 109 -5.56 -0.89 1.03
CA THR A 109 -5.32 0.30 1.82
C THR A 109 -6.61 0.60 2.58
N ASN A 110 -6.50 0.64 3.91
CA ASN A 110 -7.67 0.66 4.78
C ASN A 110 -7.68 1.98 5.56
N THR A 111 -8.72 2.79 5.34
CA THR A 111 -8.93 4.00 6.10
C THR A 111 -10.21 3.95 6.94
N ASN A 112 -10.14 4.31 8.22
CA ASN A 112 -11.34 4.53 9.01
C ASN A 112 -11.89 5.91 8.64
N VAL A 113 -13.09 5.96 8.04
CA VAL A 113 -13.60 7.18 7.46
C VAL A 113 -13.99 8.24 8.50
N LYS A 114 -14.85 7.85 9.45
CA LYS A 114 -15.37 8.76 10.47
C LYS A 114 -16.28 9.83 9.86
N PRO B 9 -8.63 9.31 -7.81
CA PRO B 9 -7.33 8.72 -7.37
C PRO B 9 -6.34 9.79 -6.91
N THR B 10 -5.81 9.62 -5.69
CA THR B 10 -4.89 10.57 -5.09
C THR B 10 -3.48 9.98 -4.90
N GLU B 11 -3.38 8.65 -4.92
CA GLU B 11 -2.12 7.98 -4.61
C GLU B 11 -1.93 6.65 -5.33
N PHE B 12 -0.71 6.14 -5.24
CA PHE B 12 -0.42 4.83 -5.76
C PHE B 12 0.61 4.21 -4.82
N ILE B 13 0.63 2.88 -4.83
CA ILE B 13 1.55 2.11 -4.01
C ILE B 13 2.66 1.59 -4.91
N SER B 14 3.90 1.64 -4.39
CA SER B 14 5.05 1.10 -5.08
C SER B 14 5.85 0.21 -4.13
N ARG B 15 6.50 -0.80 -4.72
CA ARG B 15 7.42 -1.67 -4.01
C ARG B 15 8.82 -1.35 -4.52
N HIS B 16 9.78 -1.22 -3.61
CA HIS B 16 11.15 -0.86 -3.97
C HIS B 16 12.11 -1.87 -3.36
N ASN B 17 13.22 -2.11 -4.05
CA ASN B 17 14.35 -2.76 -3.41
C ASN B 17 14.99 -1.72 -2.48
N ILE B 18 15.97 -2.17 -1.70
CA ILE B 18 16.55 -1.34 -0.65
C ILE B 18 17.23 -0.08 -1.18
N GLU B 19 17.63 -0.07 -2.46
CA GLU B 19 18.28 1.07 -3.07
C GLU B 19 17.34 2.10 -3.70
N GLY B 20 16.05 1.75 -3.85
CA GLY B 20 15.06 2.69 -4.35
C GLY B 20 14.48 2.37 -5.72
N ILE B 21 14.89 1.23 -6.31
CA ILE B 21 14.41 0.81 -7.61
C ILE B 21 12.96 0.38 -7.50
N PHE B 22 12.09 0.96 -8.36
CA PHE B 22 10.72 0.48 -8.54
C PHE B 22 10.67 -0.97 -9.02
N THR B 23 10.09 -1.86 -8.19
CA THR B 23 9.88 -3.25 -8.56
C THR B 23 8.41 -3.65 -8.70
N PHE B 24 7.51 -2.73 -8.33
CA PHE B 24 6.09 -2.86 -8.60
C PHE B 24 5.49 -1.48 -8.42
N VAL B 25 4.55 -1.10 -9.30
CA VAL B 25 3.79 0.12 -9.16
C VAL B 25 2.33 -0.17 -9.53
N ASP B 26 1.36 0.27 -8.73
CA ASP B 26 -0.03 0.04 -9.07
C ASP B 26 -0.48 1.08 -10.10
N HIS B 27 -1.51 0.70 -10.88
CA HIS B 27 -1.92 1.39 -12.10
C HIS B 27 -2.42 2.80 -11.84
N ARG B 28 -2.73 3.14 -10.59
CA ARG B 28 -3.08 4.52 -10.26
C ARG B 28 -1.94 5.52 -10.48
N CYS B 29 -0.71 5.06 -10.70
CA CYS B 29 0.38 5.96 -11.06
C CYS B 29 0.06 6.80 -12.30
N VAL B 30 -0.72 6.26 -13.24
CA VAL B 30 -1.13 7.00 -14.42
C VAL B 30 -1.81 8.31 -14.04
N ALA B 31 -2.89 8.20 -13.26
CA ALA B 31 -3.65 9.36 -12.84
C ALA B 31 -2.89 10.27 -11.86
N THR B 32 -1.96 9.72 -11.09
CA THR B 32 -1.24 10.48 -10.07
C THR B 32 -0.08 11.29 -10.63
N VAL B 33 0.81 10.62 -11.37
CA VAL B 33 2.04 11.23 -11.85
C VAL B 33 2.18 11.20 -13.37
N GLY B 34 1.23 10.59 -14.09
CA GLY B 34 1.19 10.66 -15.54
C GLY B 34 1.92 9.53 -16.27
N TYR B 35 2.65 8.68 -15.53
CA TYR B 35 3.40 7.59 -16.14
C TYR B 35 2.61 6.28 -16.14
N GLN B 36 2.81 5.48 -17.19
CA GLN B 36 2.37 4.09 -17.19
C GLN B 36 3.34 3.33 -16.26
N PRO B 37 2.91 2.22 -15.61
CA PRO B 37 3.79 1.45 -14.73
C PRO B 37 5.14 1.14 -15.38
N GLN B 38 5.11 0.73 -16.66
CA GLN B 38 6.34 0.34 -17.35
C GLN B 38 7.33 1.48 -17.54
N GLU B 39 6.89 2.74 -17.40
CA GLU B 39 7.79 3.88 -17.44
C GLU B 39 8.47 4.16 -16.10
N LEU B 40 8.07 3.43 -15.05
CA LEU B 40 8.70 3.58 -13.73
C LEU B 40 9.52 2.36 -13.33
N LEU B 41 9.06 1.17 -13.73
CA LEU B 41 9.63 -0.10 -13.29
C LEU B 41 11.10 -0.19 -13.70
N GLY B 42 11.94 -0.66 -12.76
CA GLY B 42 13.36 -0.80 -13.01
C GLY B 42 14.19 0.48 -12.82
N LYS B 43 13.53 1.63 -12.73
CA LYS B 43 14.19 2.90 -12.45
C LYS B 43 14.16 3.22 -10.95
N ASN B 44 15.13 4.04 -10.52
CA ASN B 44 15.20 4.49 -9.13
C ASN B 44 14.26 5.66 -8.93
N ILE B 45 13.49 5.66 -7.83
CA ILE B 45 12.60 6.77 -7.54
C ILE B 45 13.37 8.09 -7.40
N VAL B 46 14.62 8.00 -6.94
CA VAL B 46 15.47 9.17 -6.79
C VAL B 46 15.70 9.86 -8.13
N GLU B 47 15.64 9.11 -9.24
CA GLU B 47 15.77 9.70 -10.57
C GLU B 47 14.61 10.62 -10.94
N PHE B 48 13.46 10.48 -10.25
CA PHE B 48 12.31 11.34 -10.49
C PHE B 48 12.19 12.47 -9.47
N CYS B 49 13.16 12.53 -8.55
CA CYS B 49 13.14 13.50 -7.46
C CYS B 49 13.91 14.75 -7.83
N HIS B 50 13.33 15.93 -7.53
CA HIS B 50 14.06 17.19 -7.72
C HIS B 50 15.44 17.07 -7.09
N PRO B 51 16.53 17.49 -7.77
CA PRO B 51 17.89 17.41 -7.21
C PRO B 51 17.99 17.84 -5.73
N GLU B 52 17.34 18.99 -5.45
CA GLU B 52 17.42 19.63 -4.14
C GLU B 52 16.78 18.79 -3.04
N ASP B 53 15.91 17.86 -3.44
CA ASP B 53 15.21 16.98 -2.52
C ASP B 53 15.83 15.58 -2.46
N GLN B 54 16.86 15.34 -3.28
CA GLN B 54 17.33 13.98 -3.51
C GLN B 54 18.01 13.35 -2.30
N GLN B 55 18.76 14.15 -1.54
CA GLN B 55 19.44 13.64 -0.36
C GLN B 55 18.42 13.35 0.75
N LEU B 56 17.44 14.25 0.88
CA LEU B 56 16.32 14.06 1.79
C LEU B 56 15.60 12.72 1.52
N LEU B 57 15.34 12.42 0.25
CA LEU B 57 14.73 11.16 -0.11
C LEU B 57 15.66 9.97 0.14
N ARG B 58 16.96 10.12 -0.16
CA ARG B 58 17.92 9.07 0.14
C ARG B 58 17.99 8.74 1.62
N ASP B 59 18.06 9.78 2.47
CA ASP B 59 18.11 9.60 3.91
C ASP B 59 16.90 8.84 4.43
N SER B 60 15.72 9.15 3.86
CA SER B 60 14.49 8.48 4.23
C SER B 60 14.56 6.96 4.02
N PHE B 61 15.08 6.55 2.87
CA PHE B 61 15.31 5.15 2.57
C PHE B 61 16.30 4.49 3.53
N GLN B 62 17.36 5.20 3.91
CA GLN B 62 18.28 4.69 4.91
C GLN B 62 17.64 4.59 6.29
N GLN B 63 16.81 5.59 6.64
CA GLN B 63 16.16 5.62 7.94
C GLN B 63 15.03 4.58 8.05
N VAL B 64 14.28 4.36 6.96
CA VAL B 64 13.11 3.49 7.04
C VAL B 64 13.56 2.05 7.33
N VAL B 65 14.72 1.66 6.81
CA VAL B 65 15.26 0.32 7.05
C VAL B 65 15.71 0.15 8.50
N LYS B 66 16.07 1.25 9.18
CA LYS B 66 16.40 1.21 10.59
C LYS B 66 15.16 1.09 11.47
N LEU B 67 14.04 1.65 11.00
CA LEU B 67 12.79 1.67 11.75
C LEU B 67 12.05 0.33 11.78
N LYS B 68 12.49 -0.62 10.95
CA LYS B 68 12.08 -2.01 11.04
C LYS B 68 10.56 -2.19 11.08
N GLY B 69 9.89 -1.75 10.01
CA GLY B 69 8.46 -1.97 9.85
C GLY B 69 7.60 -0.77 10.26
N GLN B 70 8.16 0.14 11.06
CA GLN B 70 7.47 1.37 11.38
C GLN B 70 7.54 2.28 10.16
N VAL B 71 6.52 3.13 10.04
CA VAL B 71 6.34 4.00 8.89
C VAL B 71 7.14 5.29 9.06
N LEU B 72 7.74 5.73 7.95
CA LEU B 72 8.39 7.02 7.87
C LEU B 72 7.81 7.74 6.66
N SER B 73 7.41 8.99 6.85
CA SER B 73 6.89 9.83 5.78
C SER B 73 7.92 10.89 5.40
N VAL B 74 7.90 11.33 4.13
CA VAL B 74 8.77 12.38 3.63
C VAL B 74 8.03 13.10 2.50
N MET B 75 8.32 14.39 2.30
CA MET B 75 7.76 15.14 1.18
C MET B 75 8.87 15.66 0.27
N PHE B 76 8.60 15.62 -1.05
CA PHE B 76 9.58 15.96 -2.05
C PHE B 76 8.85 16.23 -3.36
N ARG B 77 9.56 16.85 -4.31
CA ARG B 77 9.03 17.14 -5.63
C ARG B 77 9.36 16.00 -6.61
N PHE B 78 8.30 15.47 -7.22
CA PHE B 78 8.37 14.37 -8.16
C PHE B 78 8.15 14.90 -9.59
N ARG B 79 9.01 14.45 -10.53
CA ARG B 79 8.90 14.86 -11.92
C ARG B 79 7.76 14.12 -12.61
N SER B 80 6.62 14.78 -12.82
CA SER B 80 5.50 14.19 -13.55
C SER B 80 5.83 14.02 -15.04
N LYS B 81 5.01 13.23 -15.74
CA LYS B 81 5.26 12.87 -17.13
C LYS B 81 5.31 14.11 -18.02
N ASN B 82 4.42 15.09 -17.76
CA ASN B 82 4.42 16.34 -18.51
C ASN B 82 5.46 17.33 -18.00
N GLN B 83 6.48 16.83 -17.28
CA GLN B 83 7.65 17.60 -16.87
C GLN B 83 7.34 18.78 -15.94
N GLU B 84 6.35 18.60 -15.05
CA GLU B 84 6.11 19.55 -13.98
C GLU B 84 6.51 18.89 -12.66
N TRP B 85 6.95 19.70 -11.70
CA TRP B 85 7.26 19.24 -10.36
C TRP B 85 5.96 19.14 -9.56
N LEU B 86 5.69 17.93 -9.04
CA LEU B 86 4.54 17.66 -8.20
C LEU B 86 5.02 17.41 -6.77
N TRP B 87 4.39 18.07 -5.81
CA TRP B 87 4.67 17.80 -4.41
C TRP B 87 4.09 16.44 -4.06
N MET B 88 4.95 15.56 -3.54
CA MET B 88 4.58 14.18 -3.24
C MET B 88 4.82 13.93 -1.76
N ARG B 89 3.90 13.22 -1.11
CA ARG B 89 4.09 12.71 0.24
C ARG B 89 4.23 11.20 0.13
N THR B 90 5.38 10.66 0.55
CA THR B 90 5.60 9.23 0.53
C THR B 90 5.67 8.71 1.96
N SER B 91 4.89 7.66 2.24
CA SER B 91 4.94 6.95 3.50
C SER B 91 5.49 5.56 3.22
N SER B 92 6.55 5.18 3.95
CA SER B 92 7.36 4.03 3.65
C SER B 92 7.48 3.13 4.87
N PHE B 93 7.56 1.81 4.64
CA PHE B 93 7.89 0.84 5.67
C PHE B 93 8.53 -0.39 5.03
N THR B 94 9.36 -1.09 5.80
CA THR B 94 10.04 -2.28 5.31
C THR B 94 9.15 -3.51 5.47
N PHE B 95 9.33 -4.45 4.53
CA PHE B 95 8.67 -5.74 4.56
C PHE B 95 9.69 -6.85 4.76
N GLN B 96 9.42 -7.78 5.69
CA GLN B 96 10.29 -8.92 5.98
C GLN B 96 9.44 -10.16 6.24
N ASN B 97 10.08 -11.35 6.17
CA ASN B 97 9.46 -12.59 6.64
C ASN B 97 10.37 -13.35 7.60
N PRO B 98 9.82 -14.17 8.52
CA PRO B 98 10.59 -14.70 9.67
C PRO B 98 11.46 -15.94 9.46
N TYR B 99 11.44 -16.50 8.24
CA TYR B 99 12.40 -17.53 7.84
C TYR B 99 13.58 -16.86 7.13
N SER B 100 13.72 -15.54 7.31
CA SER B 100 14.70 -14.72 6.61
C SER B 100 15.19 -13.63 7.58
N ASP B 101 16.49 -13.35 7.55
CA ASP B 101 17.04 -12.19 8.23
C ASP B 101 16.90 -10.92 7.37
N GLU B 102 16.77 -11.11 6.06
CA GLU B 102 16.76 -10.00 5.11
C GLU B 102 15.44 -9.22 5.13
N ILE B 103 15.57 -7.90 5.28
CA ILE B 103 14.59 -6.94 4.77
C ILE B 103 14.57 -7.09 3.25
N GLU B 104 13.40 -7.48 2.72
CA GLU B 104 13.26 -7.79 1.30
C GLU B 104 12.86 -6.60 0.44
N TYR B 105 11.95 -5.77 0.96
CA TYR B 105 11.41 -4.67 0.18
C TYR B 105 11.06 -3.46 1.06
N ILE B 106 10.94 -2.32 0.40
CA ILE B 106 10.32 -1.14 0.99
C ILE B 106 9.00 -0.93 0.27
N ILE B 107 7.94 -0.72 1.05
CA ILE B 107 6.62 -0.42 0.50
C ILE B 107 6.35 1.08 0.70
N CYS B 108 6.02 1.77 -0.41
CA CYS B 108 5.74 3.19 -0.40
C CYS B 108 4.30 3.47 -0.85
N THR B 109 3.65 4.39 -0.12
CA THR B 109 2.39 4.98 -0.53
C THR B 109 2.73 6.39 -0.96
N ASN B 110 2.46 6.72 -2.24
CA ASN B 110 2.90 7.96 -2.85
C ASN B 110 1.68 8.83 -3.14
N THR B 111 1.49 9.88 -2.35
CA THR B 111 0.30 10.71 -2.41
C THR B 111 0.64 12.11 -2.92
N ASN B 112 -0.12 12.53 -3.93
CA ASN B 112 -0.07 13.87 -4.50
C ASN B 112 -0.60 14.85 -3.46
N VAL B 113 0.22 15.82 -3.06
CA VAL B 113 -0.20 16.79 -2.06
C VAL B 113 -1.20 17.81 -2.60
N LYS B 114 -0.85 18.48 -3.70
CA LYS B 114 -1.32 19.81 -4.06
C LYS B 114 -0.43 20.85 -3.35
#